data_5GKE
#
_entry.id   5GKE
#
_cell.length_a   92.360
_cell.length_b   92.360
_cell.length_c   404.290
_cell.angle_alpha   90.00
_cell.angle_beta   90.00
_cell.angle_gamma   120.00
#
_symmetry.space_group_name_H-M   'P 61 2 2'
#
loop_
_entity.id
_entity.type
_entity.pdbx_description
1 polymer 'Endonuclease EndoMS'
2 polymer "DNA (5'-D(*CP*GP*CP*TP*AP*CP*AP*TP*GP*TP*CP*GP*TP*CP*C)-3')"
3 polymer "DNA (5'-D(*GP*GP*AP*CP*GP*AP*CP*GP*TP*GP*TP*AP*GP*CP*G)-3')"
4 non-polymer 'MAGNESIUM ION'
5 non-polymer (4S)-2-METHYL-2,4-PENTANEDIOL
6 water water
#
loop_
_entity_poly.entity_id
_entity_poly.type
_entity_poly.pdbx_seq_one_letter_code
_entity_poly.pdbx_strand_id
1 'polypeptide(L)'
;MSKDKVTVITSPSTEELVSLVNSALLEEAMLTIFARCKVHYDGRAKSELGSGDRVIIVKPDGSFLIHQSKKREPVNWQPP
GSRVRLELRENPVLVSIRRKPRETLEVELEEVYMVSVFRAEDYEELALTGSEAEMAELIFENPEVIEPGFKPLFREKAIG
TGIVAVLGRDSDGNIVVLELKRRRAELHAVRQLKSYVEILREEYGDKVRGILVAPSLTSGAKRLLEKEGLEFRKLEPPKR
DSKKKGRQKTLF
;
A,B
2 'polydeoxyribonucleotide' (DC)(DG)(DC)(DT)(DA)(DC)(DA)(DT)(DG)(DT)(DC)(DG)(DT)(DC)(DC) C
3 'polydeoxyribonucleotide' (DG)(DG)(DA)(DC)(DG)(DA)(DC)(DG)(DT)(DG)(DT)(DA)(DG)(DC)(DG) D
#
# COMPACT_ATOMS: atom_id res chain seq x y z
N SER A 2 -35.22 -4.14 -12.00
CA SER A 2 -33.94 -4.41 -11.37
C SER A 2 -33.86 -3.86 -9.93
N LYS A 3 -34.78 -4.32 -9.08
CA LYS A 3 -34.85 -3.91 -7.68
C LYS A 3 -34.19 -4.88 -6.70
N ASP A 4 -33.68 -6.01 -7.18
CA ASP A 4 -32.99 -6.97 -6.32
C ASP A 4 -31.59 -6.44 -5.97
N LYS A 5 -31.12 -6.76 -4.77
CA LYS A 5 -29.80 -6.30 -4.36
C LYS A 5 -28.70 -6.94 -5.23
N VAL A 6 -28.93 -8.18 -5.66
CA VAL A 6 -27.94 -8.91 -6.46
C VAL A 6 -28.52 -9.51 -7.74
N THR A 7 -27.77 -9.40 -8.82
CA THR A 7 -28.10 -10.04 -10.07
C THR A 7 -26.91 -10.86 -10.53
N VAL A 8 -27.13 -12.10 -10.91
CA VAL A 8 -26.03 -12.99 -11.23
C VAL A 8 -26.34 -13.70 -12.52
N ILE A 9 -25.40 -13.68 -13.45
CA ILE A 9 -25.53 -14.51 -14.63
C ILE A 9 -24.24 -15.27 -14.88
N THR A 10 -24.36 -16.59 -15.02
CA THR A 10 -23.23 -17.43 -15.34
C THR A 10 -23.17 -17.63 -16.84
N SER A 11 -21.96 -17.76 -17.36
CA SER A 11 -21.71 -17.94 -18.80
C SER A 11 -22.53 -16.98 -19.66
N PRO A 12 -22.47 -15.68 -19.35
CA PRO A 12 -23.42 -14.81 -20.04
C PRO A 12 -23.15 -14.67 -21.54
N SER A 13 -24.21 -14.37 -22.29
CA SER A 13 -24.10 -13.90 -23.65
C SER A 13 -23.48 -12.52 -23.65
N THR A 14 -22.98 -12.09 -24.79
CA THR A 14 -22.45 -10.74 -24.91
C THR A 14 -23.48 -9.71 -24.45
N GLU A 15 -24.70 -9.83 -24.96
CA GLU A 15 -25.73 -8.85 -24.66
C GLU A 15 -26.05 -8.91 -23.17
N GLU A 16 -25.97 -10.11 -22.59
CA GLU A 16 -26.12 -10.28 -21.15
C GLU A 16 -24.98 -9.55 -20.42
N LEU A 17 -23.74 -9.81 -20.83
CA LEU A 17 -22.56 -9.10 -20.31
C LEU A 17 -22.72 -7.59 -20.35
N VAL A 18 -23.07 -7.10 -21.54
CA VAL A 18 -23.20 -5.66 -21.77
C VAL A 18 -24.27 -5.05 -20.89
N SER A 19 -25.42 -5.72 -20.87
CA SER A 19 -26.56 -5.26 -20.10
C SER A 19 -26.22 -5.07 -18.62
N LEU A 20 -25.57 -6.06 -18.02
CA LEU A 20 -25.23 -6.00 -16.59
C LEU A 20 -24.14 -5.00 -16.26
N VAL A 21 -23.09 -4.98 -17.07
CA VAL A 21 -22.05 -3.98 -16.87
C VAL A 21 -22.68 -2.59 -16.88
N ASN A 22 -23.44 -2.31 -17.95
CA ASN A 22 -24.09 -1.01 -18.12
C ASN A 22 -24.92 -0.64 -16.91
N SER A 23 -25.78 -1.58 -16.54
CA SER A 23 -26.67 -1.39 -15.41
C SER A 23 -25.89 -1.10 -14.13
N ALA A 24 -24.82 -1.84 -13.92
CA ALA A 24 -23.94 -1.63 -12.76
C ALA A 24 -23.45 -0.19 -12.70
N LEU A 25 -22.87 0.30 -13.80
CA LEU A 25 -22.34 1.66 -13.83
C LEU A 25 -23.44 2.71 -13.64
N LEU A 26 -24.54 2.53 -14.36
CA LEU A 26 -25.68 3.42 -14.23
C LEU A 26 -26.26 3.48 -12.82
N GLU A 27 -26.34 2.33 -12.15
CA GLU A 27 -26.98 2.26 -10.84
C GLU A 27 -26.05 2.53 -9.66
N GLU A 28 -24.79 2.86 -9.95
CA GLU A 28 -23.79 3.02 -8.90
C GLU A 28 -23.67 1.73 -8.07
N ALA A 29 -23.76 0.59 -8.73
CA ALA A 29 -23.64 -0.71 -8.05
C ALA A 29 -22.22 -1.23 -8.14
N MET A 30 -21.98 -2.38 -7.52
CA MET A 30 -20.69 -3.02 -7.66
C MET A 30 -20.73 -4.08 -8.73
N LEU A 31 -19.74 -4.04 -9.61
CA LEU A 31 -19.61 -5.02 -10.66
C LEU A 31 -18.58 -6.03 -10.23
N THR A 32 -18.94 -7.31 -10.34
CA THR A 32 -17.98 -8.38 -10.12
C THR A 32 -18.02 -9.34 -11.28
N ILE A 33 -16.85 -9.68 -11.80
CA ILE A 33 -16.71 -10.58 -12.93
C ILE A 33 -15.68 -11.67 -12.65
N PHE A 34 -16.06 -12.93 -12.89
CA PHE A 34 -15.10 -14.01 -12.91
C PHE A 34 -14.84 -14.31 -14.38
N ALA A 35 -13.59 -14.29 -14.82
CA ALA A 35 -13.32 -14.43 -16.23
C ALA A 35 -11.93 -14.95 -16.52
N ARG A 36 -11.77 -15.57 -17.69
CA ARG A 36 -10.45 -15.76 -18.24
C ARG A 36 -10.11 -14.48 -19.00
N CYS A 37 -8.95 -13.92 -18.73
CA CYS A 37 -8.63 -12.64 -19.34
C CYS A 37 -7.14 -12.41 -19.57
N LYS A 38 -6.86 -11.39 -20.37
CA LYS A 38 -5.54 -10.80 -20.51
C LYS A 38 -5.63 -9.35 -20.01
N VAL A 39 -4.54 -8.83 -19.44
CA VAL A 39 -4.57 -7.46 -18.93
C VAL A 39 -3.42 -6.62 -19.47
N HIS A 40 -3.76 -5.47 -20.01
CA HIS A 40 -2.76 -4.59 -20.60
C HIS A 40 -2.84 -3.27 -19.83
N TYR A 41 -1.72 -2.84 -19.25
CA TYR A 41 -1.71 -1.61 -18.46
C TYR A 41 -0.65 -0.63 -18.96
N ASP A 42 -1.04 0.61 -19.17
CA ASP A 42 -0.10 1.65 -19.56
C ASP A 42 -0.41 2.98 -18.91
N GLY A 43 0.58 3.57 -18.26
CA GLY A 43 0.35 4.60 -17.28
C GLY A 43 1.68 4.96 -16.63
N ARG A 44 1.62 5.28 -15.34
CA ARG A 44 2.82 5.53 -14.55
C ARG A 44 3.92 4.50 -14.83
N ALA A 45 3.51 3.25 -14.96
CA ALA A 45 4.37 2.20 -15.44
C ALA A 45 3.66 1.45 -16.58
N LYS A 46 4.19 0.30 -16.98
CA LYS A 46 3.59 -0.50 -18.05
C LYS A 46 3.68 -1.99 -17.71
N SER A 47 2.63 -2.74 -18.05
CA SER A 47 2.61 -4.16 -17.71
C SER A 47 1.74 -5.01 -18.64
N GLU A 48 2.03 -6.31 -18.66
CA GLU A 48 1.26 -7.26 -19.44
C GLU A 48 0.97 -8.50 -18.61
N LEU A 49 -0.26 -8.98 -18.69
CA LEU A 49 -0.63 -10.21 -18.03
C LEU A 49 -1.34 -11.13 -19.03
N GLY A 50 -0.80 -12.33 -19.23
CA GLY A 50 -1.41 -13.29 -20.15
C GLY A 50 -2.67 -13.97 -19.63
N SER A 51 -3.27 -14.83 -20.48
CA SER A 51 -4.55 -15.51 -20.19
C SER A 51 -4.56 -16.24 -18.88
N GLY A 52 -5.57 -15.96 -18.07
CA GLY A 52 -5.70 -16.58 -16.76
C GLY A 52 -7.02 -16.17 -16.14
N ASP A 53 -7.47 -16.96 -15.16
CA ASP A 53 -8.72 -16.67 -14.50
C ASP A 53 -8.50 -15.69 -13.37
N ARG A 54 -9.35 -14.67 -13.31
CA ARG A 54 -9.26 -13.68 -12.24
C ARG A 54 -10.63 -13.19 -11.83
N VAL A 55 -10.69 -12.64 -10.62
CA VAL A 55 -11.81 -11.88 -10.14
C VAL A 55 -11.58 -10.42 -10.48
N ILE A 56 -12.57 -9.80 -11.10
CA ILE A 56 -12.50 -8.41 -11.51
C ILE A 56 -13.57 -7.61 -10.80
N ILE A 57 -13.19 -6.49 -10.19
CA ILE A 57 -14.16 -5.68 -9.46
C ILE A 57 -14.12 -4.24 -9.93
N VAL A 58 -15.29 -3.70 -10.22
CA VAL A 58 -15.41 -2.28 -10.49
C VAL A 58 -16.37 -1.64 -9.49
N LYS A 59 -15.83 -0.73 -8.69
CA LYS A 59 -16.61 0.02 -7.73
C LYS A 59 -17.22 1.27 -8.37
N PRO A 60 -18.35 1.73 -7.83
CA PRO A 60 -19.04 2.95 -8.28
C PRO A 60 -18.13 4.17 -8.35
N ASP A 61 -17.09 4.23 -7.53
CA ASP A 61 -16.22 5.40 -7.51
C ASP A 61 -15.08 5.30 -8.53
N GLY A 62 -15.11 4.26 -9.34
CA GLY A 62 -14.13 4.11 -10.39
C GLY A 62 -12.99 3.19 -10.04
N SER A 63 -12.90 2.78 -8.77
CA SER A 63 -11.89 1.82 -8.36
C SER A 63 -12.09 0.53 -9.15
N PHE A 64 -10.98 -0.01 -9.63
CA PHE A 64 -10.97 -1.09 -10.59
C PHE A 64 -9.93 -2.06 -10.07
N LEU A 65 -10.33 -3.29 -9.76
CA LEU A 65 -9.41 -4.29 -9.21
C LEU A 65 -9.41 -5.59 -9.98
N ILE A 66 -8.24 -6.06 -10.35
CA ILE A 66 -8.09 -7.42 -10.88
C ILE A 66 -7.30 -8.28 -9.88
N HIS A 67 -7.92 -9.37 -9.41
CA HIS A 67 -7.28 -10.23 -8.41
C HIS A 67 -7.00 -11.61 -8.94
N GLN A 68 -5.77 -12.07 -8.74
CA GLN A 68 -5.44 -13.46 -8.97
C GLN A 68 -5.77 -14.24 -7.70
N SER A 69 -5.56 -15.56 -7.73
CA SER A 69 -5.95 -16.38 -6.57
C SER A 69 -4.90 -16.31 -5.46
N LYS A 70 -3.83 -15.55 -5.69
CA LYS A 70 -2.85 -15.32 -4.65
C LYS A 70 -2.66 -13.85 -4.29
N LYS A 71 -2.00 -13.71 -3.14
CA LYS A 71 -1.62 -12.51 -2.40
C LYS A 71 -2.74 -11.59 -1.94
N ARG A 72 -2.37 -10.44 -1.43
CA ARG A 72 -3.38 -9.56 -0.87
C ARG A 72 -3.67 -8.41 -1.81
N GLU A 73 -2.72 -8.19 -2.71
CA GLU A 73 -2.77 -7.06 -3.63
C GLU A 73 -3.38 -7.50 -4.93
N PRO A 74 -4.16 -6.61 -5.54
CA PRO A 74 -4.59 -6.95 -6.88
C PRO A 74 -3.37 -6.92 -7.82
N VAL A 75 -3.34 -7.76 -8.83
CA VAL A 75 -2.23 -7.75 -9.78
C VAL A 75 -2.27 -6.51 -10.68
N ASN A 76 -3.47 -6.03 -10.99
CA ASN A 76 -3.68 -4.78 -11.74
C ASN A 76 -4.84 -3.99 -11.16
N TRP A 77 -4.81 -2.67 -11.31
CA TRP A 77 -5.88 -1.85 -10.75
C TRP A 77 -5.92 -0.47 -11.36
N GLN A 78 -7.04 0.21 -11.13
CA GLN A 78 -7.08 1.66 -11.19
C GLN A 78 -7.68 2.16 -9.90
N PRO A 79 -7.15 3.28 -9.39
CA PRO A 79 -7.66 3.96 -8.18
C PRO A 79 -8.94 4.76 -8.48
N PRO A 80 -9.68 5.18 -7.44
CA PRO A 80 -10.94 5.92 -7.60
C PRO A 80 -10.80 7.05 -8.61
N GLY A 81 -11.83 7.33 -9.41
CA GLY A 81 -11.75 8.37 -10.39
C GLY A 81 -11.56 7.92 -11.83
N SER A 82 -11.07 6.71 -12.04
CA SER A 82 -11.09 6.14 -13.37
C SER A 82 -12.51 6.08 -13.93
N ARG A 83 -12.63 6.26 -15.24
CA ARG A 83 -13.89 6.09 -15.95
C ARG A 83 -13.77 4.78 -16.70
N VAL A 84 -14.77 3.93 -16.56
CA VAL A 84 -14.68 2.63 -17.19
C VAL A 84 -15.77 2.50 -18.24
N ARG A 85 -15.52 1.67 -19.23
CA ARG A 85 -16.51 1.38 -20.24
C ARG A 85 -16.20 0.01 -20.82
N LEU A 86 -17.20 -0.64 -21.39
CA LEU A 86 -17.03 -1.92 -22.06
C LEU A 86 -17.04 -1.71 -23.55
N GLU A 87 -15.97 -2.14 -24.21
CA GLU A 87 -15.88 -2.00 -25.66
C GLU A 87 -16.01 -3.35 -26.29
N LEU A 88 -16.77 -3.40 -27.37
CA LEU A 88 -16.95 -4.65 -28.09
C LEU A 88 -15.94 -4.67 -29.22
N ARG A 89 -14.98 -5.58 -29.07
CA ARG A 89 -13.91 -5.84 -30.01
C ARG A 89 -14.03 -7.31 -30.33
N GLU A 90 -12.99 -7.90 -30.90
CA GLU A 90 -12.95 -9.35 -31.10
C GLU A 90 -13.43 -10.08 -29.84
N ASN A 91 -13.03 -9.56 -28.67
CA ASN A 91 -13.62 -9.94 -27.39
C ASN A 91 -14.10 -8.69 -26.67
N PRO A 92 -15.01 -8.85 -25.70
CA PRO A 92 -15.35 -7.65 -24.93
C PRO A 92 -14.12 -7.15 -24.17
N VAL A 93 -13.98 -5.85 -24.00
CA VAL A 93 -12.80 -5.33 -23.32
C VAL A 93 -13.24 -4.24 -22.35
N LEU A 94 -12.90 -4.44 -21.08
CA LEU A 94 -13.09 -3.42 -20.05
C LEU A 94 -11.94 -2.41 -20.11
N VAL A 95 -12.23 -1.11 -20.12
CA VAL A 95 -11.18 -0.16 -20.42
C VAL A 95 -10.71 0.73 -19.26
N SER A 96 -11.53 1.53 -18.60
CA SER A 96 -10.94 2.28 -17.45
C SER A 96 -9.76 3.25 -17.75
N ILE A 97 -10.09 4.46 -18.19
CA ILE A 97 -9.12 5.52 -18.40
C ILE A 97 -8.98 6.44 -17.18
N ARG A 98 -7.76 6.87 -16.89
CA ARG A 98 -7.53 7.83 -15.82
C ARG A 98 -6.87 9.07 -16.39
N ARG A 99 -7.28 10.22 -15.86
CA ARG A 99 -6.65 11.47 -16.24
C ARG A 99 -5.83 12.00 -15.07
N LYS A 100 -4.66 12.56 -15.36
CA LYS A 100 -3.77 13.09 -14.32
C LYS A 100 -3.46 12.10 -13.19
N PRO A 101 -2.55 11.16 -13.43
CA PRO A 101 -1.85 11.11 -14.71
C PRO A 101 -2.61 10.30 -15.72
N ARG A 102 -2.14 10.28 -16.96
CA ARG A 102 -2.81 9.50 -17.97
C ARG A 102 -2.48 8.03 -17.75
N GLU A 103 -3.53 7.23 -17.53
CA GLU A 103 -3.39 5.80 -17.37
C GLU A 103 -4.55 5.06 -18.03
N THR A 104 -4.24 4.01 -18.77
CA THR A 104 -5.28 3.11 -19.28
C THR A 104 -5.03 1.68 -18.80
N LEU A 105 -6.13 1.02 -18.42
CA LEU A 105 -6.09 -0.38 -18.00
C LEU A 105 -6.98 -1.21 -18.90
N GLU A 106 -6.45 -2.10 -19.73
CA GLU A 106 -7.36 -2.84 -20.60
C GLU A 106 -7.55 -4.27 -20.15
N VAL A 107 -8.79 -4.68 -19.93
CA VAL A 107 -9.05 -6.08 -19.60
C VAL A 107 -9.83 -6.76 -20.69
N GLU A 108 -9.12 -7.63 -21.43
CA GLU A 108 -9.72 -8.39 -22.50
C GLU A 108 -10.45 -9.60 -21.93
N LEU A 109 -11.75 -9.68 -22.11
CA LEU A 109 -12.50 -10.79 -21.53
C LEU A 109 -12.58 -11.90 -22.55
N GLU A 110 -11.83 -12.97 -22.34
CA GLU A 110 -11.81 -14.08 -23.30
C GLU A 110 -12.98 -15.03 -23.07
N GLU A 111 -13.25 -15.35 -21.81
CA GLU A 111 -14.45 -16.08 -21.44
C GLU A 111 -15.01 -15.57 -20.11
N VAL A 112 -16.24 -15.11 -20.11
CA VAL A 112 -16.78 -14.63 -18.85
C VAL A 112 -17.58 -15.73 -18.16
N TYR A 113 -17.05 -16.24 -17.04
CA TYR A 113 -17.73 -17.32 -16.31
C TYR A 113 -18.90 -16.81 -15.50
N MET A 114 -18.75 -15.62 -14.95
CA MET A 114 -19.84 -15.02 -14.21
C MET A 114 -19.76 -13.50 -14.28
N VAL A 115 -20.92 -12.85 -14.30
CA VAL A 115 -21.01 -11.41 -14.12
C VAL A 115 -22.08 -11.15 -13.08
N SER A 116 -21.87 -10.16 -12.23
CA SER A 116 -22.82 -9.90 -11.17
C SER A 116 -22.90 -8.42 -10.85
N VAL A 117 -24.09 -8.01 -10.46
CA VAL A 117 -24.32 -6.65 -10.07
C VAL A 117 -24.78 -6.65 -8.64
N PHE A 118 -24.06 -5.92 -7.79
CA PHE A 118 -24.36 -5.93 -6.37
C PHE A 118 -24.69 -4.50 -5.96
N ARG A 119 -25.95 -4.25 -5.64
CA ARG A 119 -26.32 -2.89 -5.31
C ARG A 119 -26.15 -2.80 -3.83
N ALA A 120 -24.99 -2.32 -3.42
CA ALA A 120 -24.61 -2.49 -2.03
C ALA A 120 -24.97 -1.25 -1.28
N GLU A 121 -25.46 -1.42 -0.08
CA GLU A 121 -25.92 -0.31 0.73
C GLU A 121 -25.06 -0.30 1.98
N ASP A 122 -24.28 0.76 2.17
CA ASP A 122 -23.43 0.84 3.34
C ASP A 122 -23.25 2.30 3.79
N TYR A 123 -23.69 2.62 5.00
CA TYR A 123 -23.48 3.96 5.59
C TYR A 123 -22.41 4.03 6.66
N GLU A 124 -21.68 2.94 6.86
CA GLU A 124 -20.77 2.84 7.99
C GLU A 124 -19.31 3.08 7.64
N GLU A 125 -18.61 3.79 8.52
CA GLU A 125 -17.17 4.02 8.35
C GLU A 125 -16.36 3.23 9.39
N LEU A 126 -15.21 2.73 8.96
CA LEU A 126 -14.32 2.02 9.84
C LEU A 126 -13.95 2.83 11.07
N ALA A 127 -14.04 2.22 12.24
CA ALA A 127 -13.51 2.86 13.43
C ALA A 127 -12.28 2.09 13.88
N LEU A 128 -11.11 2.73 13.76
CA LEU A 128 -9.84 2.09 14.07
C LEU A 128 -9.15 2.75 15.27
N THR A 129 -8.43 1.95 16.05
CA THR A 129 -7.65 2.46 17.16
C THR A 129 -6.27 1.80 17.14
N GLY A 130 -5.34 2.34 17.92
CA GLY A 130 -3.97 1.85 17.88
C GLY A 130 -3.15 2.52 16.80
N SER A 131 -3.52 3.76 16.46
CA SER A 131 -2.85 4.51 15.41
C SER A 131 -1.80 5.49 15.96
N GLU A 132 -1.06 6.14 15.05
CA GLU A 132 -0.07 7.13 15.46
C GLU A 132 -0.75 8.38 16.00
N ALA A 133 -1.87 8.75 15.39
CA ALA A 133 -2.63 9.89 15.87
C ALA A 133 -2.96 9.73 17.36
N GLU A 134 -3.30 8.51 17.76
CA GLU A 134 -3.66 8.28 19.15
C GLU A 134 -2.45 8.32 20.08
N MET A 135 -1.28 7.92 19.59
CA MET A 135 -0.06 8.10 20.37
C MET A 135 0.10 9.59 20.71
N ALA A 136 -0.10 10.40 19.68
CA ALA A 136 0.01 11.84 19.79
C ALA A 136 -0.95 12.36 20.87
N GLU A 137 -2.24 12.04 20.72
CA GLU A 137 -3.28 12.42 21.69
C GLU A 137 -2.94 11.97 23.11
N LEU A 138 -2.40 10.79 23.26
CA LEU A 138 -1.96 10.33 24.57
C LEU A 138 -0.91 11.28 25.12
N ILE A 139 0.03 11.65 24.26
CA ILE A 139 1.16 12.44 24.72
C ILE A 139 0.74 13.85 25.11
N PHE A 140 -0.29 14.39 24.47
CA PHE A 140 -0.80 15.68 24.88
C PHE A 140 -1.60 15.57 26.20
N GLU A 141 -2.42 14.53 26.33
CA GLU A 141 -3.16 14.28 27.57
C GLU A 141 -2.20 14.04 28.73
N ASN A 142 -1.12 13.31 28.47
CA ASN A 142 -0.18 12.91 29.52
C ASN A 142 1.28 13.02 29.12
N PRO A 143 1.81 14.25 29.03
CA PRO A 143 3.19 14.44 28.55
C PRO A 143 4.25 13.72 29.38
N GLU A 144 3.94 13.33 30.61
CA GLU A 144 4.93 12.65 31.44
C GLU A 144 5.23 11.23 30.96
N VAL A 145 4.43 10.71 30.02
CA VAL A 145 4.77 9.45 29.35
C VAL A 145 6.10 9.61 28.60
N ILE A 146 6.45 10.83 28.25
CA ILE A 146 7.73 11.14 27.62
C ILE A 146 8.78 11.31 28.71
N GLU A 147 8.56 12.31 29.55
CA GLU A 147 9.37 12.55 30.73
C GLU A 147 8.77 13.72 31.51
N PRO A 148 9.09 13.83 32.81
CA PRO A 148 8.50 14.90 33.61
C PRO A 148 8.96 16.28 33.15
N GLY A 149 8.06 17.26 33.19
CA GLY A 149 8.41 18.60 32.78
C GLY A 149 8.48 18.73 31.27
N PHE A 150 7.89 17.77 30.56
CA PHE A 150 7.81 17.88 29.11
C PHE A 150 6.52 18.59 28.73
N LYS A 151 6.67 19.68 27.98
CA LYS A 151 5.54 20.48 27.57
C LYS A 151 5.39 20.42 26.05
N PRO A 152 4.39 19.66 25.57
CA PRO A 152 4.06 19.57 24.14
C PRO A 152 3.32 20.81 23.66
N LEU A 153 3.64 21.27 22.44
CA LEU A 153 3.14 22.53 21.91
C LEU A 153 2.45 22.35 20.57
N PHE A 154 3.13 21.71 19.63
CA PHE A 154 2.53 21.52 18.32
C PHE A 154 2.44 20.05 17.92
N ARG A 155 1.44 19.75 17.08
CA ARG A 155 1.24 18.46 16.47
C ARG A 155 1.13 18.65 14.95
N GLU A 156 1.85 17.83 14.19
CA GLU A 156 1.91 17.95 12.72
C GLU A 156 2.29 19.37 12.31
N LYS A 157 3.39 19.85 12.87
CA LYS A 157 3.87 21.22 12.65
C LYS A 157 4.85 21.31 11.50
N ALA A 158 4.48 22.04 10.46
CA ALA A 158 5.43 22.30 9.39
C ALA A 158 6.52 23.19 9.97
N ILE A 159 7.74 22.68 9.95
CA ILE A 159 8.93 23.48 10.11
C ILE A 159 9.32 23.79 8.69
N GLY A 160 10.48 24.34 8.47
CA GLY A 160 10.78 24.86 7.15
C GLY A 160 10.72 23.78 6.06
N THR A 161 11.46 22.73 6.31
CA THR A 161 11.52 21.63 5.37
C THR A 161 11.05 20.41 6.16
N GLY A 162 9.87 19.92 5.84
CA GLY A 162 9.32 18.79 6.58
C GLY A 162 8.24 19.14 7.62
N ILE A 163 7.54 18.10 8.06
CA ILE A 163 6.47 18.22 9.04
C ILE A 163 6.75 17.30 10.21
N VAL A 164 6.84 17.91 11.39
CA VAL A 164 7.22 17.29 12.65
C VAL A 164 5.99 16.72 13.36
N ALA A 165 6.13 15.58 14.04
CA ALA A 165 4.97 14.93 14.67
C ALA A 165 4.51 15.72 15.89
N VAL A 166 5.38 15.81 16.89
CA VAL A 166 5.11 16.60 18.07
C VAL A 166 6.31 17.52 18.37
N LEU A 167 6.02 18.76 18.70
CA LEU A 167 7.08 19.72 19.01
C LEU A 167 6.78 20.35 20.36
N GLY A 168 7.82 20.49 21.19
CA GLY A 168 7.63 20.98 22.54
C GLY A 168 8.92 21.42 23.21
N ARG A 169 8.86 21.57 24.53
CA ARG A 169 10.05 21.91 25.32
C ARG A 169 10.21 20.94 26.48
N ASP A 170 11.44 20.80 26.97
CA ASP A 170 11.66 20.10 28.21
C ASP A 170 11.84 21.08 29.38
N SER A 171 11.98 20.54 30.58
CA SER A 171 12.03 21.36 31.78
C SER A 171 13.37 22.08 31.95
N ASP A 172 14.32 21.76 31.07
CA ASP A 172 15.59 22.47 31.03
C ASP A 172 15.58 23.58 29.96
N GLY A 173 14.44 23.78 29.32
CA GLY A 173 14.28 24.82 28.30
C GLY A 173 14.76 24.51 26.89
N ASN A 174 15.12 23.25 26.63
CA ASN A 174 15.45 22.83 25.26
C ASN A 174 14.18 22.64 24.41
N ILE A 175 14.31 22.85 23.11
CA ILE A 175 13.28 22.43 22.16
C ILE A 175 13.31 20.90 22.01
N VAL A 176 12.15 20.26 21.99
CA VAL A 176 12.07 18.81 21.78
C VAL A 176 11.28 18.47 20.51
N VAL A 177 11.91 17.73 19.61
CA VAL A 177 11.22 17.04 18.53
C VAL A 177 10.87 15.64 18.96
N LEU A 178 9.61 15.25 18.80
CA LEU A 178 9.24 13.84 18.91
C LEU A 178 8.96 13.30 17.52
N GLU A 179 9.53 12.12 17.23
CA GLU A 179 9.10 11.34 16.08
C GLU A 179 8.41 10.06 16.59
N LEU A 180 7.17 9.86 16.17
CA LEU A 180 6.38 8.72 16.66
C LEU A 180 6.30 7.63 15.60
N LYS A 181 6.30 6.38 16.07
CA LYS A 181 5.99 5.22 15.24
C LYS A 181 5.12 4.26 16.01
N ARG A 182 4.00 3.86 15.41
CA ARG A 182 3.06 2.92 16.03
C ARG A 182 3.61 1.52 16.07
N ARG A 183 4.66 1.28 15.29
CA ARG A 183 5.26 -0.03 15.23
C ARG A 183 6.77 0.11 15.36
N ARG A 184 7.48 -1.01 15.35
CA ARG A 184 8.92 -1.00 15.52
C ARG A 184 9.58 0.01 14.57
N ALA A 185 10.43 0.85 15.12
CA ALA A 185 10.99 1.95 14.36
C ALA A 185 12.18 1.52 13.53
N GLU A 186 12.18 1.97 12.29
CA GLU A 186 13.20 1.61 11.32
C GLU A 186 14.11 2.81 10.99
N LEU A 187 15.09 2.58 10.11
CA LEU A 187 16.05 3.62 9.75
C LEU A 187 15.38 4.88 9.23
N HIS A 188 14.37 4.66 8.40
CA HIS A 188 13.54 5.72 7.84
C HIS A 188 13.12 6.72 8.93
N ALA A 189 12.69 6.20 10.08
CA ALA A 189 12.19 7.06 11.17
C ALA A 189 13.29 7.93 11.73
N VAL A 190 14.47 7.35 11.91
CA VAL A 190 15.58 8.07 12.52
C VAL A 190 16.10 9.16 11.59
N ARG A 191 16.02 8.89 10.28
CA ARG A 191 16.38 9.86 9.26
C ARG A 191 15.43 11.04 9.29
N GLN A 192 14.14 10.76 9.48
CA GLN A 192 13.16 11.81 9.68
C GLN A 192 13.54 12.67 10.90
N LEU A 193 13.69 12.02 12.05
CA LEU A 193 14.05 12.67 13.29
C LEU A 193 15.34 13.50 13.18
N LYS A 194 16.40 12.91 12.66
CA LYS A 194 17.67 13.60 12.51
C LYS A 194 17.49 14.83 11.64
N SER A 195 16.76 14.65 10.55
CA SER A 195 16.49 15.74 9.63
C SER A 195 15.78 16.92 10.33
N TYR A 196 14.84 16.61 11.22
CA TYR A 196 14.08 17.69 11.85
C TYR A 196 14.93 18.41 12.87
N VAL A 197 15.69 17.62 13.63
CA VAL A 197 16.54 18.16 14.67
C VAL A 197 17.55 19.14 14.07
N GLU A 198 18.14 18.76 12.94
CA GLU A 198 19.13 19.60 12.29
C GLU A 198 18.53 20.92 11.84
N ILE A 199 17.36 20.84 11.22
CA ILE A 199 16.71 22.05 10.74
C ILE A 199 16.38 22.97 11.91
N LEU A 200 15.95 22.38 13.02
CA LEU A 200 15.62 23.16 14.21
C LEU A 200 16.88 23.72 14.88
N ARG A 201 17.99 22.98 14.81
CA ARG A 201 19.25 23.48 15.38
C ARG A 201 19.72 24.74 14.64
N GLU A 202 19.35 24.87 13.37
CA GLU A 202 19.75 26.04 12.59
C GLU A 202 19.17 27.34 13.14
N GLU A 203 17.95 27.30 13.70
CA GLU A 203 17.40 28.44 14.42
C GLU A 203 17.86 28.55 15.89
N TYR A 204 17.73 27.45 16.62
CA TYR A 204 17.93 27.45 18.08
C TYR A 204 19.25 26.84 18.58
N GLY A 205 20.13 26.44 17.69
CA GLY A 205 21.45 25.96 18.11
C GLY A 205 21.39 24.66 18.89
N ASP A 206 22.38 24.43 19.76
CA ASP A 206 22.56 23.17 20.47
C ASP A 206 21.39 22.79 21.40
N LYS A 207 20.41 23.68 21.50
CA LYS A 207 19.31 23.56 22.47
C LYS A 207 18.17 22.65 22.02
N VAL A 208 18.40 21.84 20.99
CA VAL A 208 17.39 20.92 20.48
C VAL A 208 17.67 19.45 20.85
N ARG A 209 16.65 18.78 21.38
CA ARG A 209 16.68 17.33 21.61
C ARG A 209 15.74 16.61 20.64
N GLY A 210 16.20 15.54 20.01
CA GLY A 210 15.33 14.62 19.31
C GLY A 210 14.95 13.39 20.11
N ILE A 211 13.71 12.95 20.00
CA ILE A 211 13.31 11.74 20.69
C ILE A 211 12.48 10.86 19.77
N LEU A 212 12.93 9.63 19.59
CA LEU A 212 12.16 8.66 18.84
C LEU A 212 11.24 7.95 19.82
N VAL A 213 9.96 7.91 19.49
CA VAL A 213 8.99 7.34 20.40
C VAL A 213 8.29 6.22 19.64
N ALA A 214 8.55 4.99 20.07
CA ALA A 214 7.99 3.83 19.40
C ALA A 214 7.96 2.66 20.38
N PRO A 215 7.34 1.54 20.00
CA PRO A 215 7.41 0.38 20.90
C PRO A 215 8.79 -0.31 20.92
N SER A 216 9.61 -0.08 19.91
CA SER A 216 10.94 -0.71 19.80
C SER A 216 11.65 -0.20 18.54
N LEU A 217 12.91 -0.60 18.37
CA LEU A 217 13.76 -0.22 17.23
C LEU A 217 14.39 -1.39 16.51
N THR A 218 14.65 -1.24 15.22
CA THR A 218 15.50 -2.19 14.53
C THR A 218 16.95 -1.95 14.91
N SER A 219 17.79 -2.95 14.67
CA SER A 219 19.22 -2.83 14.93
C SER A 219 19.81 -1.53 14.35
N GLY A 220 19.53 -1.27 13.08
CA GLY A 220 20.13 -0.16 12.40
C GLY A 220 19.62 1.17 12.93
N ALA A 221 18.33 1.20 13.23
CA ALA A 221 17.72 2.38 13.80
C ALA A 221 18.45 2.78 15.10
N LYS A 222 18.58 1.84 16.03
CA LYS A 222 19.26 2.11 17.31
C LYS A 222 20.72 2.51 17.06
N ARG A 223 21.36 1.80 16.14
CA ARG A 223 22.72 2.14 15.73
C ARG A 223 22.81 3.60 15.29
N LEU A 224 21.94 4.01 14.38
CA LEU A 224 21.93 5.38 13.87
C LEU A 224 21.47 6.40 14.91
N LEU A 225 20.52 6.00 15.75
CA LEU A 225 20.02 6.86 16.79
C LEU A 225 21.16 7.28 17.69
N GLU A 226 21.83 6.26 18.25
CA GLU A 226 22.89 6.46 19.21
C GLU A 226 24.05 7.25 18.63
N LYS A 227 24.45 6.89 17.42
CA LYS A 227 25.52 7.60 16.75
C LYS A 227 25.23 9.09 16.70
N GLU A 228 23.99 9.46 16.46
CA GLU A 228 23.68 10.86 16.24
C GLU A 228 23.33 11.60 17.51
N GLY A 229 23.46 10.92 18.65
CA GLY A 229 23.09 11.47 19.93
C GLY A 229 21.61 11.79 20.04
N LEU A 230 20.77 10.87 19.61
CA LEU A 230 19.32 11.06 19.65
C LEU A 230 18.75 10.08 20.67
N GLU A 231 17.57 10.39 21.22
CA GLU A 231 17.04 9.56 22.30
C GLU A 231 15.90 8.66 21.88
N PHE A 232 15.46 7.82 22.80
CA PHE A 232 14.39 6.86 22.58
C PHE A 232 13.53 6.72 23.82
N ARG A 233 12.22 6.73 23.63
CA ARG A 233 11.27 6.41 24.69
C ARG A 233 10.32 5.34 24.17
N LYS A 234 10.26 4.22 24.88
CA LYS A 234 9.35 3.13 24.53
C LYS A 234 7.91 3.54 24.80
N LEU A 235 7.08 3.48 23.77
CA LEU A 235 5.65 3.72 23.93
C LEU A 235 4.84 2.89 22.93
N GLU A 236 3.80 2.21 23.41
CA GLU A 236 2.91 1.44 22.53
C GLU A 236 1.71 2.28 22.14
N PRO A 237 1.26 2.16 20.88
CA PRO A 237 0.02 2.87 20.52
C PRO A 237 -1.13 2.39 21.38
N PRO A 238 -1.90 3.31 21.95
CA PRO A 238 -3.01 2.91 22.83
C PRO A 238 -4.22 2.39 22.04
N LYS A 239 -4.84 1.32 22.52
CA LYS A 239 -6.11 0.86 21.94
C LYS A 239 -7.27 1.19 22.86
N ARG A 240 -8.23 1.98 22.39
CA ARG A 240 -9.46 2.25 23.17
C ARG A 240 -10.22 0.94 23.47
N SER B 2 -19.09 -29.24 -9.01
CA SER B 2 -17.74 -29.06 -8.46
C SER B 2 -16.67 -29.41 -9.48
N LYS B 3 -17.05 -29.37 -10.76
CA LYS B 3 -16.11 -29.31 -11.88
C LYS B 3 -16.16 -27.90 -12.45
N ASP B 4 -17.37 -27.41 -12.70
CA ASP B 4 -17.60 -26.05 -13.21
C ASP B 4 -16.73 -25.04 -12.48
N LYS B 5 -16.14 -24.10 -13.21
CA LYS B 5 -15.36 -23.03 -12.59
C LYS B 5 -16.17 -22.34 -11.52
N VAL B 6 -17.46 -22.17 -11.75
CA VAL B 6 -18.24 -21.39 -10.83
C VAL B 6 -19.39 -22.18 -10.27
N THR B 7 -19.60 -22.01 -8.98
CA THR B 7 -20.79 -22.45 -8.30
C THR B 7 -21.25 -21.24 -7.52
N VAL B 8 -22.51 -20.86 -7.68
CA VAL B 8 -23.01 -19.66 -7.05
C VAL B 8 -24.44 -19.86 -6.61
N ILE B 9 -24.74 -19.40 -5.41
CA ILE B 9 -26.08 -19.46 -4.86
C ILE B 9 -26.43 -18.08 -4.34
N THR B 10 -27.51 -17.48 -4.86
CA THR B 10 -28.03 -16.28 -4.24
C THR B 10 -28.94 -16.68 -3.10
N SER B 11 -29.11 -15.78 -2.14
CA SER B 11 -29.91 -16.01 -0.95
C SER B 11 -29.79 -17.43 -0.39
N PRO B 12 -28.56 -17.86 -0.09
CA PRO B 12 -28.33 -19.23 0.37
C PRO B 12 -28.85 -19.46 1.79
N SER B 13 -29.20 -20.70 2.07
CA SER B 13 -29.53 -21.06 3.44
C SER B 13 -28.24 -21.38 4.14
N THR B 14 -28.34 -21.58 5.45
CA THR B 14 -27.17 -21.84 6.26
C THR B 14 -26.43 -23.06 5.74
N GLU B 15 -27.17 -24.11 5.47
CA GLU B 15 -26.57 -25.34 4.97
C GLU B 15 -25.89 -25.12 3.64
N GLU B 16 -26.48 -24.24 2.85
CA GLU B 16 -25.96 -23.99 1.52
C GLU B 16 -24.66 -23.20 1.68
N LEU B 17 -24.72 -22.18 2.53
CA LEU B 17 -23.55 -21.38 2.86
C LEU B 17 -22.40 -22.26 3.36
N VAL B 18 -22.69 -23.08 4.37
CA VAL B 18 -21.69 -23.94 4.98
C VAL B 18 -21.11 -24.86 3.94
N SER B 19 -21.97 -25.38 3.08
CA SER B 19 -21.53 -26.30 2.06
C SER B 19 -20.55 -25.65 1.09
N LEU B 20 -20.92 -24.46 0.61
CA LEU B 20 -20.08 -23.76 -0.36
C LEU B 20 -18.78 -23.23 0.26
N VAL B 21 -18.90 -22.66 1.45
CA VAL B 21 -17.71 -22.16 2.15
C VAL B 21 -16.70 -23.28 2.35
N ASN B 22 -17.16 -24.40 2.89
CA ASN B 22 -16.26 -25.53 3.15
C ASN B 22 -15.72 -26.16 1.86
N SER B 23 -16.51 -26.15 0.79
CA SER B 23 -16.00 -26.61 -0.50
C SER B 23 -14.85 -25.74 -0.99
N ALA B 24 -14.99 -24.43 -0.77
CA ALA B 24 -14.02 -23.48 -1.28
C ALA B 24 -12.64 -23.74 -0.69
N LEU B 25 -12.63 -23.94 0.63
CA LEU B 25 -11.38 -24.15 1.37
C LEU B 25 -10.79 -25.50 0.98
N LEU B 26 -11.63 -26.53 0.97
CA LEU B 26 -11.15 -27.86 0.63
C LEU B 26 -10.63 -27.91 -0.80
N GLU B 27 -11.37 -27.32 -1.74
CA GLU B 27 -10.95 -27.36 -3.14
C GLU B 27 -9.85 -26.33 -3.42
N GLU B 28 -9.58 -25.49 -2.42
CA GLU B 28 -8.64 -24.38 -2.57
C GLU B 28 -8.99 -23.55 -3.79
N ALA B 29 -10.16 -22.93 -3.70
CA ALA B 29 -10.63 -22.06 -4.75
C ALA B 29 -10.93 -20.71 -4.12
N MET B 30 -11.28 -19.74 -4.96
CA MET B 30 -11.67 -18.43 -4.46
C MET B 30 -13.11 -18.45 -4.00
N LEU B 31 -13.30 -18.01 -2.77
CA LEU B 31 -14.60 -17.83 -2.19
C LEU B 31 -15.00 -16.38 -2.32
N THR B 32 -16.17 -16.13 -2.89
CA THR B 32 -16.70 -14.77 -2.91
C THR B 32 -18.13 -14.70 -2.41
N ILE B 33 -18.39 -13.73 -1.55
CA ILE B 33 -19.64 -13.54 -0.86
C ILE B 33 -20.09 -12.08 -0.85
N PHE B 34 -21.34 -11.82 -1.21
CA PHE B 34 -21.92 -10.51 -1.00
C PHE B 34 -22.80 -10.62 0.23
N ALA B 35 -22.59 -9.75 1.21
CA ALA B 35 -23.30 -9.89 2.46
C ALA B 35 -23.44 -8.58 3.24
N ARG B 36 -24.50 -8.50 4.03
CA ARG B 36 -24.59 -7.48 5.07
C ARG B 36 -23.79 -8.05 6.23
N CYS B 37 -22.92 -7.25 6.83
CA CYS B 37 -22.02 -7.79 7.84
C CYS B 37 -21.51 -6.74 8.81
N LYS B 38 -20.93 -7.24 9.88
CA LYS B 38 -20.22 -6.44 10.86
C LYS B 38 -18.83 -7.02 10.84
N VAL B 39 -17.81 -6.18 11.03
CA VAL B 39 -16.43 -6.68 11.01
C VAL B 39 -15.71 -6.27 12.27
N HIS B 40 -15.01 -7.24 12.87
CA HIS B 40 -14.22 -6.99 14.06
C HIS B 40 -12.81 -7.43 13.78
N TYR B 41 -11.86 -6.55 14.09
CA TYR B 41 -10.45 -6.84 13.87
C TYR B 41 -9.64 -6.49 15.11
N ASP B 42 -8.76 -7.40 15.51
CA ASP B 42 -7.81 -7.14 16.60
C ASP B 42 -6.51 -7.86 16.29
N GLY B 43 -5.41 -7.15 16.48
CA GLY B 43 -4.16 -7.48 15.83
C GLY B 43 -3.17 -6.38 16.10
N ARG B 44 -2.30 -6.15 15.12
CA ARG B 44 -1.40 -5.00 15.15
C ARG B 44 -2.13 -3.73 15.61
N ALA B 45 -3.33 -3.54 15.09
CA ALA B 45 -4.21 -2.48 15.55
C ALA B 45 -5.56 -3.11 15.91
N LYS B 46 -6.58 -2.29 16.12
CA LYS B 46 -7.90 -2.82 16.45
C LYS B 46 -8.98 -1.96 15.78
N SER B 47 -10.03 -2.60 15.25
CA SER B 47 -11.10 -1.82 14.60
C SER B 47 -12.48 -2.46 14.60
N GLU B 48 -13.50 -1.60 14.53
CA GLU B 48 -14.88 -2.02 14.38
C GLU B 48 -15.50 -1.44 13.11
N LEU B 49 -16.25 -2.27 12.41
CA LEU B 49 -17.06 -1.80 11.29
C LEU B 49 -18.52 -2.20 11.47
N GLY B 50 -19.40 -1.19 11.53
CA GLY B 50 -20.81 -1.42 11.73
C GLY B 50 -21.50 -2.09 10.57
N SER B 51 -22.77 -2.44 10.77
CA SER B 51 -23.53 -3.23 9.79
C SER B 51 -23.63 -2.58 8.40
N GLY B 52 -23.33 -3.33 7.34
CA GLY B 52 -23.35 -2.77 6.00
C GLY B 52 -23.04 -3.78 4.92
N ASP B 53 -23.30 -3.42 3.66
CA ASP B 53 -23.07 -4.34 2.54
C ASP B 53 -21.65 -4.28 2.02
N ARG B 54 -20.97 -5.42 1.96
CA ARG B 54 -19.63 -5.49 1.41
C ARG B 54 -19.39 -6.74 0.61
N VAL B 55 -18.32 -6.71 -0.18
CA VAL B 55 -17.87 -7.87 -0.92
C VAL B 55 -16.75 -8.53 -0.13
N ILE B 56 -16.84 -9.85 0.02
CA ILE B 56 -15.84 -10.57 0.78
C ILE B 56 -15.15 -11.59 -0.11
N ILE B 57 -13.83 -11.60 -0.07
CA ILE B 57 -13.07 -12.58 -0.82
C ILE B 57 -12.10 -13.34 0.09
N VAL B 58 -12.08 -14.66 -0.04
CA VAL B 58 -11.07 -15.48 0.61
C VAL B 58 -10.34 -16.22 -0.48
N LYS B 59 -9.05 -15.91 -0.62
CA LYS B 59 -8.19 -16.59 -1.59
C LYS B 59 -7.64 -17.88 -0.98
N PRO B 60 -7.33 -18.87 -1.82
CA PRO B 60 -6.88 -20.19 -1.32
C PRO B 60 -5.58 -20.12 -0.51
N ASP B 61 -4.80 -19.05 -0.70
CA ASP B 61 -3.55 -18.87 0.02
C ASP B 61 -3.78 -18.16 1.36
N GLY B 62 -5.04 -17.92 1.69
CA GLY B 62 -5.40 -17.41 3.00
C GLY B 62 -5.68 -15.91 3.03
N SER B 63 -5.38 -15.24 1.92
CA SER B 63 -5.69 -13.81 1.81
C SER B 63 -7.20 -13.61 1.98
N PHE B 64 -7.55 -12.63 2.81
CA PHE B 64 -8.92 -12.34 3.17
C PHE B 64 -9.14 -10.84 2.91
N LEU B 65 -10.12 -10.50 2.07
CA LEU B 65 -10.40 -9.10 1.71
C LEU B 65 -11.84 -8.72 1.98
N ILE B 66 -12.04 -7.55 2.58
CA ILE B 66 -13.39 -7.02 2.71
C ILE B 66 -13.45 -5.62 2.07
N HIS B 67 -14.25 -5.50 1.02
CA HIS B 67 -14.34 -4.28 0.22
C HIS B 67 -15.67 -3.55 0.33
N GLN B 68 -15.58 -2.28 0.69
CA GLN B 68 -16.73 -1.39 0.58
C GLN B 68 -16.95 -0.91 -0.86
N SER B 69 -18.00 -0.13 -1.08
CA SER B 69 -18.38 0.33 -2.41
C SER B 69 -17.49 1.46 -2.91
N LYS B 70 -16.60 1.93 -2.05
CA LYS B 70 -15.58 2.89 -2.48
C LYS B 70 -14.17 2.45 -2.11
N LYS B 71 -13.26 3.28 -2.58
CA LYS B 71 -11.81 3.20 -2.58
C LYS B 71 -11.14 2.00 -3.24
N ARG B 72 -9.82 1.98 -3.15
CA ARG B 72 -9.01 0.96 -3.81
C ARG B 72 -8.71 -0.15 -2.80
N GLU B 73 -8.42 0.28 -1.58
CA GLU B 73 -8.10 -0.59 -0.47
C GLU B 73 -9.32 -1.31 0.14
N PRO B 74 -9.12 -2.55 0.58
CA PRO B 74 -10.10 -3.20 1.47
C PRO B 74 -10.24 -2.45 2.79
N VAL B 75 -11.44 -2.35 3.35
CA VAL B 75 -11.63 -1.73 4.65
C VAL B 75 -11.01 -2.60 5.76
N ASN B 76 -11.08 -3.91 5.58
CA ASN B 76 -10.41 -4.85 6.46
C ASN B 76 -9.88 -5.99 5.63
N TRP B 77 -8.88 -6.67 6.16
CA TRP B 77 -8.27 -7.76 5.43
C TRP B 77 -7.45 -8.65 6.34
N GLN B 78 -6.89 -9.68 5.74
CA GLN B 78 -5.92 -10.51 6.40
C GLN B 78 -4.99 -10.89 5.28
N PRO B 79 -3.68 -10.91 5.55
CA PRO B 79 -2.62 -11.23 4.60
C PRO B 79 -2.51 -12.72 4.30
N PRO B 80 -1.78 -13.08 3.23
CA PRO B 80 -1.52 -14.47 2.89
C PRO B 80 -1.01 -15.29 4.07
N GLY B 81 -1.50 -16.52 4.18
CA GLY B 81 -1.05 -17.42 5.23
C GLY B 81 -2.01 -17.53 6.40
N SER B 82 -3.03 -16.69 6.40
CA SER B 82 -4.00 -16.75 7.47
C SER B 82 -4.88 -17.97 7.35
N ARG B 83 -5.48 -18.35 8.46
CA ARG B 83 -6.27 -19.54 8.52
C ARG B 83 -7.69 -19.11 8.73
N VAL B 84 -8.58 -19.50 7.81
CA VAL B 84 -9.98 -19.09 7.93
C VAL B 84 -10.91 -20.27 8.24
N ARG B 85 -11.76 -20.08 9.22
CA ARG B 85 -12.74 -21.07 9.57
C ARG B 85 -14.10 -20.42 9.43
N LEU B 86 -15.11 -21.19 9.00
CA LEU B 86 -16.49 -20.73 9.11
C LEU B 86 -17.00 -21.21 10.44
N GLU B 87 -17.76 -20.37 11.11
CA GLU B 87 -18.17 -20.67 12.46
C GLU B 87 -19.63 -20.24 12.71
N LEU B 88 -20.47 -21.15 13.20
CA LEU B 88 -21.88 -20.83 13.36
C LEU B 88 -22.21 -20.38 14.77
N ARG B 89 -23.05 -19.35 14.88
CA ARG B 89 -23.36 -18.66 16.13
C ARG B 89 -24.72 -18.04 15.93
N GLU B 90 -25.03 -17.01 16.72
CA GLU B 90 -26.25 -16.23 16.50
C GLU B 90 -26.43 -15.93 15.00
N ASN B 91 -25.34 -15.57 14.32
CA ASN B 91 -25.24 -15.59 12.85
C ASN B 91 -23.97 -16.35 12.45
N PRO B 92 -23.87 -16.77 11.18
CA PRO B 92 -22.58 -17.35 10.77
C PRO B 92 -21.45 -16.30 10.87
N VAL B 93 -20.24 -16.75 11.21
CA VAL B 93 -19.12 -15.83 11.36
C VAL B 93 -17.91 -16.37 10.64
N LEU B 94 -17.36 -15.59 9.71
CA LEU B 94 -16.07 -15.92 9.11
C LEU B 94 -14.96 -15.45 10.06
N VAL B 95 -14.06 -16.36 10.38
CA VAL B 95 -13.00 -16.07 11.32
C VAL B 95 -11.69 -16.40 10.68
N SER B 96 -10.80 -15.42 10.64
CA SER B 96 -9.48 -15.64 10.07
C SER B 96 -8.43 -15.32 11.12
N ILE B 97 -7.50 -16.26 11.31
CA ILE B 97 -6.45 -16.13 12.30
C ILE B 97 -5.08 -16.12 11.68
N ARG B 98 -4.24 -15.25 12.23
CA ARG B 98 -2.82 -15.19 11.93
C ARG B 98 -2.08 -15.27 13.27
N ARG B 99 -0.98 -16.03 13.36
CA ARG B 99 -0.23 -16.02 14.64
C ARG B 99 1.08 -15.19 14.68
N LYS B 100 1.55 -14.68 13.56
CA LYS B 100 2.85 -14.02 13.59
C LYS B 100 2.92 -12.78 12.72
N PRO B 101 2.47 -11.63 13.24
CA PRO B 101 1.93 -11.47 14.61
C PRO B 101 0.52 -12.00 14.74
N ARG B 102 -0.02 -12.00 15.95
CA ARG B 102 -1.31 -12.61 16.15
C ARG B 102 -2.41 -11.61 15.80
N GLU B 103 -3.21 -11.95 14.79
CA GLU B 103 -4.28 -11.08 14.36
C GLU B 103 -5.55 -11.86 14.09
N THR B 104 -6.67 -11.32 14.53
CA THR B 104 -7.97 -11.93 14.32
C THR B 104 -8.90 -11.04 13.53
N LEU B 105 -9.42 -11.58 12.44
CA LEU B 105 -10.46 -10.90 11.68
C LEU B 105 -11.77 -11.68 11.83
N GLU B 106 -12.82 -11.00 12.24
CA GLU B 106 -14.14 -11.64 12.40
C GLU B 106 -15.19 -10.95 11.54
N VAL B 107 -15.77 -11.70 10.60
CA VAL B 107 -16.83 -11.15 9.77
C VAL B 107 -18.16 -11.81 10.11
N GLU B 108 -19.03 -11.09 10.80
CA GLU B 108 -20.32 -11.64 11.16
C GLU B 108 -21.28 -11.43 10.00
N LEU B 109 -21.75 -12.52 9.39
CA LEU B 109 -22.62 -12.42 8.22
C LEU B 109 -24.06 -12.37 8.63
N GLU B 110 -24.65 -11.18 8.55
CA GLU B 110 -26.02 -10.93 8.96
C GLU B 110 -27.02 -11.37 7.90
N GLU B 111 -26.76 -11.01 6.66
CA GLU B 111 -27.49 -11.58 5.53
C GLU B 111 -26.56 -11.85 4.37
N VAL B 112 -26.51 -13.10 3.93
CA VAL B 112 -25.72 -13.43 2.77
C VAL B 112 -26.59 -13.32 1.52
N TYR B 113 -26.26 -12.37 0.66
CA TYR B 113 -27.01 -12.24 -0.57
C TYR B 113 -26.52 -13.24 -1.60
N MET B 114 -25.23 -13.51 -1.61
CA MET B 114 -24.66 -14.41 -2.60
C MET B 114 -23.40 -15.06 -2.06
N VAL B 115 -23.21 -16.34 -2.37
CA VAL B 115 -21.95 -17.00 -2.08
C VAL B 115 -21.55 -17.75 -3.32
N SER B 116 -20.24 -17.81 -3.58
CA SER B 116 -19.75 -18.41 -4.81
C SER B 116 -18.37 -19.01 -4.62
N VAL B 117 -18.09 -19.98 -5.45
CA VAL B 117 -16.83 -20.70 -5.46
C VAL B 117 -16.36 -20.57 -6.90
N PHE B 118 -15.12 -20.12 -7.05
CA PHE B 118 -14.59 -19.89 -8.37
C PHE B 118 -13.28 -20.67 -8.43
N ARG B 119 -13.25 -21.71 -9.23
CA ARG B 119 -12.06 -22.54 -9.26
C ARG B 119 -11.21 -21.98 -10.37
N ALA B 120 -10.30 -21.11 -9.99
CA ALA B 120 -9.64 -20.28 -10.97
C ALA B 120 -8.33 -20.94 -11.33
N GLU B 121 -8.06 -20.96 -12.62
CA GLU B 121 -6.84 -21.55 -13.14
C GLU B 121 -6.03 -20.43 -13.76
N ASP B 122 -4.90 -20.10 -13.12
CA ASP B 122 -4.01 -19.03 -13.59
C ASP B 122 -2.54 -19.45 -13.46
N TYR B 123 -1.86 -19.63 -14.59
CA TYR B 123 -0.45 -19.98 -14.57
C TYR B 123 0.47 -18.79 -14.90
N GLU B 124 -0.14 -17.64 -15.12
CA GLU B 124 0.56 -16.50 -15.66
C GLU B 124 1.03 -15.49 -14.58
N GLU B 125 2.18 -14.86 -14.80
CA GLU B 125 2.69 -13.85 -13.87
C GLU B 125 2.79 -12.48 -14.52
N LEU B 126 2.66 -11.44 -13.69
CA LEU B 126 2.69 -10.09 -14.20
C LEU B 126 4.10 -9.76 -14.72
N ALA B 127 4.12 -9.15 -15.89
CA ALA B 127 5.33 -8.63 -16.55
C ALA B 127 5.28 -7.11 -16.53
N LEU B 128 6.15 -6.50 -15.73
CA LEU B 128 6.07 -5.07 -15.44
C LEU B 128 7.36 -4.38 -15.84
N THR B 129 7.24 -3.20 -16.43
CA THR B 129 8.39 -2.39 -16.82
C THR B 129 8.16 -0.94 -16.41
N GLY B 130 9.26 -0.16 -16.31
CA GLY B 130 9.18 1.20 -15.81
C GLY B 130 9.48 1.28 -14.30
N SER B 131 10.16 0.28 -13.76
CA SER B 131 10.49 0.26 -12.33
C SER B 131 11.83 0.93 -12.01
N GLU B 132 12.14 1.01 -10.71
CA GLU B 132 13.40 1.57 -10.25
C GLU B 132 14.53 0.62 -10.66
N ALA B 133 14.25 -0.68 -10.54
CA ALA B 133 15.22 -1.71 -10.90
C ALA B 133 15.67 -1.58 -12.35
N GLU B 134 14.76 -1.23 -13.24
CA GLU B 134 15.13 -1.03 -14.63
C GLU B 134 15.84 0.31 -14.84
N MET B 135 15.63 1.28 -13.94
CA MET B 135 16.43 2.50 -13.98
C MET B 135 17.90 2.15 -13.72
N ALA B 136 18.13 1.27 -12.74
CA ALA B 136 19.48 0.86 -12.42
C ALA B 136 20.13 0.14 -13.60
N GLU B 137 19.38 -0.75 -14.25
CA GLU B 137 19.89 -1.51 -15.37
C GLU B 137 20.29 -0.57 -16.49
N LEU B 138 19.47 0.44 -16.72
CA LEU B 138 19.73 1.38 -17.79
C LEU B 138 21.03 2.12 -17.52
N ILE B 139 21.29 2.39 -16.25
CA ILE B 139 22.44 3.19 -15.88
C ILE B 139 23.71 2.35 -16.03
N PHE B 140 23.65 1.08 -15.65
CA PHE B 140 24.80 0.20 -15.80
C PHE B 140 25.10 -0.13 -17.26
N GLU B 141 24.09 -0.13 -18.11
CA GLU B 141 24.31 -0.38 -19.53
C GLU B 141 24.75 0.87 -20.26
N ASN B 142 24.36 2.02 -19.71
CA ASN B 142 24.49 3.28 -20.42
C ASN B 142 24.81 4.43 -19.43
N PRO B 143 25.99 4.38 -18.77
CA PRO B 143 26.33 5.23 -17.62
C PRO B 143 26.33 6.72 -17.93
N GLU B 144 26.34 7.08 -19.20
CA GLU B 144 26.36 8.48 -19.58
C GLU B 144 25.02 9.17 -19.41
N VAL B 145 23.94 8.44 -19.12
CA VAL B 145 22.67 9.13 -18.84
C VAL B 145 22.78 9.89 -17.52
N ILE B 146 23.73 9.49 -16.68
CA ILE B 146 24.10 10.27 -15.50
C ILE B 146 25.03 11.44 -15.89
N GLU B 147 26.21 11.11 -16.44
CA GLU B 147 27.19 12.12 -16.87
C GLU B 147 28.36 11.42 -17.56
N PRO B 148 29.05 12.14 -18.47
CA PRO B 148 30.24 11.58 -19.13
C PRO B 148 31.29 11.18 -18.12
N GLY B 149 31.75 9.93 -18.23
CA GLY B 149 32.77 9.43 -17.34
C GLY B 149 32.28 8.73 -16.11
N PHE B 150 30.97 8.69 -15.91
CA PHE B 150 30.47 8.02 -14.72
C PHE B 150 30.73 6.52 -14.85
N LYS B 151 31.19 5.92 -13.77
CA LYS B 151 31.47 4.48 -13.76
C LYS B 151 30.71 3.82 -12.61
N PRO B 152 29.51 3.29 -12.92
CA PRO B 152 28.71 2.51 -11.96
C PRO B 152 29.43 1.23 -11.59
N LEU B 153 29.44 0.90 -10.31
CA LEU B 153 30.24 -0.18 -9.74
C LEU B 153 29.37 -1.16 -8.97
N PHE B 154 28.66 -0.67 -7.96
CA PHE B 154 27.80 -1.53 -7.16
C PHE B 154 26.32 -1.17 -7.24
N ARG B 155 25.47 -2.19 -7.16
CA ARG B 155 24.02 -2.00 -7.11
C ARG B 155 23.58 -2.55 -5.74
N GLU B 156 22.78 -1.77 -5.02
CA GLU B 156 22.28 -2.18 -3.69
C GLU B 156 23.41 -2.52 -2.73
N LYS B 157 24.43 -1.69 -2.69
CA LYS B 157 25.54 -1.92 -1.81
C LYS B 157 25.18 -1.54 -0.38
N ALA B 158 25.27 -2.51 0.53
CA ALA B 158 25.23 -2.14 1.93
C ALA B 158 26.48 -1.35 2.28
N ILE B 159 26.26 -0.11 2.72
CA ILE B 159 27.27 0.67 3.40
C ILE B 159 27.00 0.37 4.85
N GLY B 160 27.57 1.14 5.76
CA GLY B 160 27.45 0.75 7.17
C GLY B 160 26.01 0.66 7.64
N THR B 161 25.30 1.76 7.45
CA THR B 161 23.93 1.87 7.91
C THR B 161 23.09 2.32 6.72
N GLY B 162 22.24 1.42 6.23
CA GLY B 162 21.53 1.66 5.00
C GLY B 162 22.09 0.92 3.80
N ILE B 163 21.33 0.99 2.70
CA ILE B 163 21.69 0.30 1.48
C ILE B 163 21.50 1.25 0.32
N VAL B 164 22.56 1.42 -0.42
CA VAL B 164 22.68 2.42 -1.47
C VAL B 164 22.22 1.84 -2.80
N ALA B 165 21.39 2.57 -3.55
CA ALA B 165 20.91 2.06 -4.84
C ALA B 165 22.06 1.80 -5.82
N VAL B 166 22.85 2.83 -6.10
CA VAL B 166 24.01 2.65 -6.98
C VAL B 166 25.22 3.39 -6.45
N LEU B 167 26.36 2.71 -6.43
CA LEU B 167 27.61 3.30 -5.98
C LEU B 167 28.62 3.26 -7.12
N GLY B 168 29.31 4.37 -7.37
CA GLY B 168 30.16 4.48 -8.54
C GLY B 168 31.27 5.51 -8.37
N ARG B 169 32.01 5.79 -9.45
CA ARG B 169 33.05 6.81 -9.39
C ARG B 169 32.84 7.75 -10.56
N ASP B 170 33.25 9.02 -10.42
CA ASP B 170 33.19 9.94 -11.57
C ASP B 170 34.53 10.09 -12.29
N SER B 171 34.56 10.88 -13.35
CA SER B 171 35.82 11.11 -14.06
C SER B 171 36.90 11.76 -13.18
N ASP B 172 36.54 12.40 -12.07
CA ASP B 172 37.54 12.93 -11.15
C ASP B 172 38.03 11.87 -10.18
N GLY B 173 37.44 10.68 -10.23
CA GLY B 173 37.75 9.65 -9.24
C GLY B 173 37.05 9.75 -7.89
N ASN B 174 36.08 10.65 -7.73
CA ASN B 174 35.33 10.65 -6.46
C ASN B 174 34.36 9.48 -6.41
N ILE B 175 34.03 9.07 -5.20
CA ILE B 175 32.92 8.19 -5.00
C ILE B 175 31.60 8.93 -5.27
N VAL B 176 30.70 8.26 -5.99
CA VAL B 176 29.38 8.79 -6.33
C VAL B 176 28.24 7.90 -5.82
N VAL B 177 27.40 8.44 -4.94
CA VAL B 177 26.14 7.79 -4.56
C VAL B 177 25.01 8.24 -5.46
N LEU B 178 24.22 7.30 -5.98
CA LEU B 178 22.98 7.65 -6.66
C LEU B 178 21.79 7.22 -5.79
N GLU B 179 20.77 8.08 -5.71
CA GLU B 179 19.48 7.66 -5.19
C GLU B 179 18.52 7.80 -6.35
N LEU B 180 17.93 6.66 -6.74
CA LEU B 180 16.96 6.58 -7.83
C LEU B 180 15.53 6.60 -7.32
N LYS B 181 14.67 7.33 -8.03
CA LYS B 181 13.23 7.28 -7.83
C LYS B 181 12.58 7.20 -9.21
N ARG B 182 11.62 6.28 -9.36
CA ARG B 182 10.90 6.12 -10.63
C ARG B 182 9.85 7.22 -10.81
N ARG B 183 9.57 7.97 -9.77
CA ARG B 183 8.60 9.05 -9.90
C ARG B 183 9.16 10.31 -9.28
N ARG B 184 8.38 11.38 -9.30
CA ARG B 184 8.86 12.66 -8.78
C ARG B 184 9.35 12.46 -7.36
N ALA B 185 10.61 12.83 -7.14
CA ALA B 185 11.30 12.59 -5.90
C ALA B 185 10.84 13.58 -4.84
N GLU B 186 10.83 13.12 -3.60
CA GLU B 186 10.27 13.88 -2.51
C GLU B 186 11.29 14.08 -1.43
N LEU B 187 10.89 14.76 -0.36
CA LEU B 187 11.78 14.99 0.78
C LEU B 187 12.51 13.75 1.26
N HIS B 188 11.80 12.65 1.41
CA HIS B 188 12.40 11.42 1.96
C HIS B 188 13.46 10.81 0.99
N ALA B 189 13.27 10.95 -0.31
CA ALA B 189 14.33 10.59 -1.25
C ALA B 189 15.63 11.31 -0.87
N VAL B 190 15.54 12.61 -0.60
CA VAL B 190 16.74 13.40 -0.35
C VAL B 190 17.33 12.98 0.99
N ARG B 191 16.46 12.66 1.95
CA ARG B 191 16.94 12.27 3.28
C ARG B 191 17.71 10.97 3.19
N GLN B 192 17.21 10.08 2.35
CA GLN B 192 17.88 8.84 2.05
C GLN B 192 19.29 9.14 1.51
N LEU B 193 19.34 9.94 0.43
CA LEU B 193 20.59 10.24 -0.25
C LEU B 193 21.55 10.94 0.71
N LYS B 194 21.05 11.92 1.42
CA LYS B 194 21.86 12.71 2.33
C LYS B 194 22.44 11.82 3.42
N SER B 195 21.68 10.81 3.80
CA SER B 195 22.09 9.91 4.86
C SER B 195 23.25 9.03 4.43
N TYR B 196 23.16 8.52 3.21
CA TYR B 196 24.19 7.64 2.67
C TYR B 196 25.49 8.43 2.51
N VAL B 197 25.37 9.62 1.93
CA VAL B 197 26.50 10.48 1.64
C VAL B 197 27.28 10.86 2.89
N GLU B 198 26.56 11.24 3.95
CA GLU B 198 27.21 11.60 5.19
C GLU B 198 28.04 10.45 5.73
N ILE B 199 27.43 9.28 5.75
CA ILE B 199 28.09 8.07 6.22
C ILE B 199 29.39 7.80 5.43
N LEU B 200 29.31 7.93 4.12
CA LEU B 200 30.45 7.73 3.24
C LEU B 200 31.49 8.85 3.35
N ARG B 201 31.03 10.08 3.59
CA ARG B 201 31.95 11.21 3.73
C ARG B 201 32.85 11.00 4.94
N GLU B 202 32.29 10.35 5.94
CA GLU B 202 32.95 10.02 7.21
C GLU B 202 34.16 9.08 6.99
N GLU B 203 34.28 8.58 5.77
CA GLU B 203 35.27 7.59 5.41
C GLU B 203 36.19 8.15 4.31
N TYR B 204 35.57 8.55 3.21
CA TYR B 204 36.25 9.06 2.03
C TYR B 204 36.35 10.60 1.85
N GLY B 205 35.91 11.38 2.84
CA GLY B 205 36.06 12.83 2.77
C GLY B 205 34.96 13.60 2.05
N ASP B 206 35.04 14.94 2.07
CA ASP B 206 34.07 15.85 1.44
C ASP B 206 33.99 15.67 -0.08
N LYS B 207 34.94 14.91 -0.59
CA LYS B 207 34.99 14.46 -1.97
C LYS B 207 33.65 13.86 -2.46
N VAL B 208 33.01 13.06 -1.61
CA VAL B 208 31.87 12.23 -1.99
C VAL B 208 30.69 13.03 -2.54
N ARG B 209 30.25 12.62 -3.72
CA ARG B 209 29.11 13.21 -4.38
C ARG B 209 27.85 12.36 -4.18
N GLY B 210 26.68 13.00 -4.18
CA GLY B 210 25.48 12.19 -4.27
C GLY B 210 24.49 12.89 -5.17
N ILE B 211 23.78 12.06 -5.91
CA ILE B 211 22.98 12.51 -7.02
C ILE B 211 21.63 11.86 -6.90
N LEU B 212 20.60 12.69 -6.88
CA LEU B 212 19.23 12.23 -6.92
C LEU B 212 18.87 12.04 -8.38
N VAL B 213 18.48 10.81 -8.75
CA VAL B 213 18.13 10.52 -10.14
C VAL B 213 16.65 10.17 -10.23
N ALA B 214 15.87 11.12 -10.76
CA ALA B 214 14.41 11.00 -10.77
C ALA B 214 13.84 11.77 -11.96
N PRO B 215 12.61 11.45 -12.37
CA PRO B 215 12.00 12.23 -13.44
C PRO B 215 11.72 13.69 -13.04
N SER B 216 11.62 13.99 -11.74
CA SER B 216 11.54 15.39 -11.27
C SER B 216 11.68 15.47 -9.74
N LEU B 217 11.59 16.69 -9.20
CA LEU B 217 11.65 16.91 -7.75
C LEU B 217 10.49 17.75 -7.27
N THR B 218 10.10 17.55 -6.01
CA THR B 218 9.20 18.48 -5.36
C THR B 218 10.00 19.70 -4.95
N SER B 219 9.30 20.81 -4.71
CA SER B 219 9.91 22.04 -4.21
C SER B 219 10.80 21.79 -3.00
N GLY B 220 10.33 20.96 -2.08
CA GLY B 220 11.06 20.71 -0.86
C GLY B 220 12.28 19.85 -1.07
N ALA B 221 12.17 18.90 -1.98
CA ALA B 221 13.32 18.07 -2.32
C ALA B 221 14.43 18.96 -2.85
N LYS B 222 14.08 19.85 -3.78
CA LYS B 222 15.03 20.77 -4.38
C LYS B 222 15.75 21.61 -3.33
N ARG B 223 14.96 22.22 -2.45
CA ARG B 223 15.47 23.03 -1.35
C ARG B 223 16.50 22.29 -0.49
N LEU B 224 16.15 21.10 -0.01
CA LEU B 224 17.04 20.34 0.88
C LEU B 224 18.26 19.79 0.15
N LEU B 225 18.04 19.39 -1.10
CA LEU B 225 19.12 18.95 -1.97
C LEU B 225 20.18 20.05 -2.09
N GLU B 226 19.72 21.26 -2.34
CA GLU B 226 20.61 22.41 -2.53
C GLU B 226 21.29 22.81 -1.23
N LYS B 227 20.53 22.89 -0.15
CA LYS B 227 21.12 23.26 1.14
C LYS B 227 22.23 22.27 1.56
N GLU B 228 22.14 21.01 1.11
CA GLU B 228 23.14 20.01 1.49
C GLU B 228 24.23 19.77 0.43
N GLY B 229 24.16 20.49 -0.69
CA GLY B 229 25.15 20.34 -1.74
C GLY B 229 25.07 19.04 -2.52
N LEU B 230 23.86 18.57 -2.77
CA LEU B 230 23.68 17.35 -3.54
C LEU B 230 23.22 17.73 -4.94
N GLU B 231 23.12 16.77 -5.84
CA GLU B 231 22.86 17.07 -7.23
C GLU B 231 21.64 16.33 -7.73
N PHE B 232 21.12 16.78 -8.86
CA PHE B 232 19.96 16.18 -9.47
C PHE B 232 20.19 15.90 -10.92
N ARG B 233 20.02 14.65 -11.33
CA ARG B 233 20.02 14.34 -12.74
C ARG B 233 18.62 13.87 -13.11
N LYS B 234 17.98 14.55 -14.05
CA LYS B 234 16.66 14.18 -14.53
C LYS B 234 16.76 12.91 -15.36
N LEU B 235 16.00 11.89 -14.97
CA LEU B 235 15.94 10.65 -15.72
C LEU B 235 14.55 10.01 -15.61
N GLU B 236 14.01 9.54 -16.74
CA GLU B 236 12.71 8.86 -16.78
C GLU B 236 12.90 7.36 -16.64
N PRO B 237 12.02 6.68 -15.87
CA PRO B 237 12.08 5.21 -15.87
C PRO B 237 11.73 4.69 -17.25
N PRO B 238 12.55 3.79 -17.79
CA PRO B 238 12.37 3.25 -19.15
C PRO B 238 11.30 2.16 -19.23
N LYS B 239 10.69 2.00 -20.40
CA LYS B 239 9.69 0.95 -20.63
C LYS B 239 10.02 0.04 -21.82
N ARG B 240 10.28 -1.24 -21.56
CA ARG B 240 10.37 -2.23 -22.64
C ARG B 240 9.05 -2.35 -23.42
#